data_5N8V
#
_entry.id   5N8V
#
_cell.length_a   35.760
_cell.length_b   116.060
_cell.length_c   38.820
_cell.angle_alpha   90.00
_cell.angle_beta   101.86
_cell.angle_gamma   90.00
#
_symmetry.space_group_name_H-M   'P 1 21 1'
#
loop_
_entity.id
_entity.type
_entity.pdbx_description
1 polymer 'Peroxin 14'
2 non-polymer 1-(2-azanylethyl)-5-[(4-methoxynaphthalen-1-yl)methyl]-~{N}-(naphthalen-1-ylmethyl)-6,7-dihydro-4~{H}-pyrazolo[4,3-c]pyridine-3-carboxamide
3 non-polymer 'SULFATE ION'
4 non-polymer BETA-MERCAPTOETHANOL
5 non-polymer 'CHLORIDE ION'
6 water water
#
_entity_poly.entity_id   1
_entity_poly.type   'polypeptide(L)'
_entity_poly.pdbx_seq_one_letter_code
;GAMWHTHSEREKRVSNAVEFLLDSRVRRTPTSSKVHFLKSKGLSAEEICEAFTKVGQPKTLNEIKRILS
;
_entity_poly.pdbx_strand_id   A,B,D,F
#
# COMPACT_ATOMS: atom_id res chain seq x y z
N HIS A 7 13.55 -0.76 -5.19
CA HIS A 7 12.19 -0.28 -5.57
C HIS A 7 11.35 0.08 -4.35
N SER A 8 10.59 1.17 -4.46
CA SER A 8 9.66 1.57 -3.41
C SER A 8 8.47 0.60 -3.37
N GLU A 9 7.72 0.61 -2.27
CA GLU A 9 6.54 -0.24 -2.16
C GLU A 9 5.48 0.13 -3.21
N ARG A 10 5.37 1.42 -3.54
CA ARG A 10 4.52 1.87 -4.64
C ARG A 10 4.94 1.26 -5.97
N GLU A 11 6.23 1.30 -6.26
CA GLU A 11 6.77 0.72 -7.50
C GLU A 11 6.54 -0.79 -7.59
N LYS A 12 6.64 -1.49 -6.46
CA LYS A 12 6.34 -2.92 -6.39
C LYS A 12 4.87 -3.20 -6.68
N ARG A 13 3.97 -2.41 -6.09
CA ARG A 13 2.53 -2.55 -6.36
C ARG A 13 2.22 -2.36 -7.84
N VAL A 14 2.78 -1.31 -8.43
CA VAL A 14 2.53 -1.01 -9.85
C VAL A 14 3.18 -2.06 -10.76
N SER A 15 4.41 -2.46 -10.46
CA SER A 15 5.10 -3.49 -11.25
C SER A 15 4.37 -4.83 -11.23
N ASN A 16 3.90 -5.24 -10.05
CA ASN A 16 3.08 -6.45 -9.92
C ASN A 16 1.77 -6.35 -10.71
N ALA A 17 1.15 -5.17 -10.70
CA ALA A 17 -0.09 -4.93 -11.44
C ALA A 17 0.12 -5.03 -12.95
N VAL A 18 1.26 -4.50 -13.42
CA VAL A 18 1.63 -4.61 -14.84
C VAL A 18 1.74 -6.07 -15.28
N GLU A 19 2.50 -6.87 -14.53
CA GLU A 19 2.67 -8.29 -14.86
C GLU A 19 1.33 -9.04 -14.84
N PHE A 20 0.49 -8.71 -13.87
CA PHE A 20 -0.88 -9.24 -13.80
C PHE A 20 -1.69 -8.92 -15.06
N LEU A 21 -1.73 -7.64 -15.44
CA LEU A 21 -2.55 -7.20 -16.58
C LEU A 21 -2.07 -7.72 -17.94
N LEU A 22 -0.80 -8.09 -18.04
CA LEU A 22 -0.25 -8.66 -19.27
C LEU A 22 -0.61 -10.13 -19.51
N ASP A 23 -1.06 -10.83 -18.46
CA ASP A 23 -1.41 -12.23 -18.57
C ASP A 23 -2.57 -12.43 -19.55
N SER A 24 -2.45 -13.44 -20.42
CA SER A 24 -3.41 -13.65 -21.52
C SER A 24 -4.84 -13.92 -21.04
N ARG A 25 -4.98 -14.69 -19.97
CA ARG A 25 -6.30 -14.94 -19.38
C ARG A 25 -6.85 -13.69 -18.71
N VAL A 26 -5.97 -12.95 -18.04
CA VAL A 26 -6.35 -11.70 -17.37
C VAL A 26 -6.80 -10.66 -18.41
N ARG A 27 -6.12 -10.61 -19.56
CA ARG A 27 -6.53 -9.72 -20.65
C ARG A 27 -7.98 -9.95 -21.12
N ARG A 28 -8.45 -11.21 -21.04
CA ARG A 28 -9.84 -11.55 -21.38
C ARG A 28 -10.86 -11.29 -20.26
N THR A 29 -10.39 -10.95 -19.07
CA THR A 29 -11.23 -10.63 -17.92
C THR A 29 -11.69 -9.18 -18.03
N PRO A 30 -12.95 -8.87 -17.64
CA PRO A 30 -13.43 -7.48 -17.70
C PRO A 30 -12.61 -6.51 -16.85
N THR A 31 -12.57 -5.26 -17.30
CA THR A 31 -11.86 -4.19 -16.60
C THR A 31 -12.32 -4.05 -15.15
N SER A 32 -13.64 -4.05 -14.94
CA SER A 32 -14.21 -3.90 -13.59
C SER A 32 -13.63 -4.89 -12.57
N SER A 33 -13.62 -6.17 -12.93
CA SER A 33 -13.08 -7.22 -12.05
C SER A 33 -11.59 -7.02 -11.75
N LYS A 34 -10.84 -6.65 -12.78
CA LYS A 34 -9.40 -6.37 -12.63
C LYS A 34 -9.12 -5.18 -11.72
N VAL A 35 -9.93 -4.13 -11.85
CA VAL A 35 -9.80 -2.93 -11.02
C VAL A 35 -10.08 -3.26 -9.54
N HIS A 36 -11.16 -4.01 -9.28
CA HIS A 36 -11.47 -4.45 -7.93
C HIS A 36 -10.37 -5.31 -7.33
N PHE A 37 -9.87 -6.26 -8.13
CA PHE A 37 -8.77 -7.11 -7.73
C PHE A 37 -7.53 -6.29 -7.36
N LEU A 38 -7.17 -5.31 -8.20
CA LEU A 38 -5.99 -4.49 -7.95
C LEU A 38 -6.14 -3.61 -6.70
N LYS A 39 -7.34 -3.08 -6.45
CA LYS A 39 -7.59 -2.38 -5.18
C LYS A 39 -7.41 -3.32 -3.99
N SER A 40 -7.86 -4.56 -4.10
CA SER A 40 -7.70 -5.55 -3.02
C SER A 40 -6.24 -5.89 -2.72
N LYS A 41 -5.34 -5.70 -3.70
CA LYS A 41 -3.90 -5.84 -3.48
C LYS A 41 -3.23 -4.56 -2.94
N GLY A 42 -4.02 -3.52 -2.66
CA GLY A 42 -3.52 -2.31 -2.02
C GLY A 42 -3.20 -1.16 -2.95
N LEU A 43 -3.56 -1.26 -4.23
CA LEU A 43 -3.32 -0.16 -5.17
C LEU A 43 -4.39 0.92 -5.01
N SER A 44 -3.94 2.17 -5.02
CA SER A 44 -4.83 3.32 -5.14
C SER A 44 -5.39 3.40 -6.55
N ALA A 45 -6.46 4.17 -6.72
CA ALA A 45 -7.04 4.39 -8.06
C ALA A 45 -6.02 4.96 -9.04
N GLU A 46 -5.17 5.89 -8.55
CA GLU A 46 -4.11 6.47 -9.38
C GLU A 46 -3.05 5.45 -9.80
N GLU A 47 -2.67 4.56 -8.88
CA GLU A 47 -1.73 3.47 -9.17
C GLU A 47 -2.30 2.46 -10.17
N ILE A 48 -3.58 2.14 -10.01
CA ILE A 48 -4.31 1.27 -10.95
C ILE A 48 -4.29 1.90 -12.34
N CYS A 49 -4.61 3.19 -12.40
CA CYS A 49 -4.59 3.95 -13.65
C CYS A 49 -3.22 3.91 -14.32
N GLU A 50 -2.17 4.10 -13.52
CA GLU A 50 -0.81 4.06 -14.02
C GLU A 50 -0.49 2.69 -14.63
N ALA A 51 -0.88 1.62 -13.94
CA ALA A 51 -0.61 0.25 -14.41
C ALA A 51 -1.28 -0.03 -15.77
N PHE A 52 -2.53 0.37 -15.92
CA PHE A 52 -3.25 0.21 -17.19
C PHE A 52 -2.58 0.96 -18.34
N THR A 53 -2.11 2.18 -18.08
CA THR A 53 -1.39 2.96 -19.10
C THR A 53 -0.04 2.32 -19.44
N LYS A 54 0.67 1.80 -18.44
CA LYS A 54 1.99 1.18 -18.68
C LYS A 54 1.95 -0.08 -19.54
N VAL A 55 0.81 -0.77 -19.57
CA VAL A 55 0.64 -1.94 -20.45
C VAL A 55 -0.07 -1.60 -21.77
N GLY A 56 -0.25 -0.32 -22.06
CA GLY A 56 -0.92 0.10 -23.29
C GLY A 56 -2.39 -0.26 -23.34
N GLN A 57 -3.04 -0.29 -22.18
CA GLN A 57 -4.49 -0.51 -22.07
C GLN A 57 -5.09 0.67 -21.29
N PRO A 58 -4.84 1.92 -21.74
CA PRO A 58 -5.15 3.07 -20.90
C PRO A 58 -6.63 3.23 -20.58
N LYS A 59 -6.90 3.55 -19.32
CA LYS A 59 -8.23 3.87 -18.82
C LYS A 59 -8.16 5.27 -18.21
N THR A 60 -9.26 6.00 -18.26
CA THR A 60 -9.34 7.29 -17.58
C THR A 60 -9.41 7.04 -16.08
N LEU A 61 -8.88 7.96 -15.28
CA LEU A 61 -9.02 7.86 -13.83
C LEU A 61 -10.49 7.91 -13.42
N ASN A 62 -11.31 8.66 -14.16
CA ASN A 62 -12.77 8.68 -13.95
C ASN A 62 -13.41 7.28 -14.05
N GLU A 63 -13.05 6.51 -15.08
CA GLU A 63 -13.60 5.15 -15.23
C GLU A 63 -13.21 4.27 -14.05
N ILE A 64 -11.95 4.36 -13.64
CA ILE A 64 -11.44 3.58 -12.51
C ILE A 64 -12.17 3.95 -11.21
N LYS A 65 -12.36 5.25 -10.99
CA LYS A 65 -13.10 5.73 -9.82
C LYS A 65 -14.58 5.31 -9.85
N ARG A 66 -15.20 5.34 -11.03
CA ARG A 66 -16.58 4.87 -11.20
C ARG A 66 -16.74 3.41 -10.80
N ILE A 67 -15.80 2.58 -11.24
CA ILE A 67 -15.80 1.15 -10.91
C ILE A 67 -15.71 0.94 -9.39
N LEU A 68 -14.85 1.71 -8.74
CA LEU A 68 -14.59 1.55 -7.31
C LEU A 68 -15.58 2.27 -6.38
N SER A 69 -16.48 3.08 -6.94
CA SER A 69 -17.40 3.88 -6.13
C SER A 69 -18.55 3.05 -5.56
N HIS B 7 -10.22 4.10 4.72
CA HIS B 7 -10.94 4.27 3.42
C HIS B 7 -10.01 4.03 2.23
N SER B 8 -8.94 4.84 2.15
CA SER B 8 -7.91 4.62 1.13
C SER B 8 -7.07 3.40 1.51
N GLU B 9 -6.43 2.80 0.51
CA GLU B 9 -5.56 1.64 0.76
C GLU B 9 -4.38 1.99 1.65
N ARG B 10 -3.89 3.23 1.54
CA ARG B 10 -2.87 3.73 2.45
C ARG B 10 -3.37 3.77 3.89
N GLU B 11 -4.57 4.30 4.10
CA GLU B 11 -5.17 4.37 5.43
C GLU B 11 -5.42 2.99 6.03
N LYS B 12 -5.76 2.02 5.20
CA LYS B 12 -5.94 0.63 5.64
C LYS B 12 -4.63 0.02 6.13
N ARG B 13 -3.55 0.25 5.40
CA ARG B 13 -2.22 -0.25 5.80
C ARG B 13 -1.76 0.36 7.12
N VAL B 14 -1.91 1.68 7.24
CA VAL B 14 -1.51 2.38 8.47
C VAL B 14 -2.40 1.94 9.64
N SER B 15 -3.70 1.81 9.42
CA SER B 15 -4.63 1.37 10.47
CA SER B 15 -4.64 1.36 10.45
C SER B 15 -4.31 -0.05 10.94
N ASN B 16 -4.03 -0.95 10.00
CA ASN B 16 -3.62 -2.32 10.34
C ASN B 16 -2.33 -2.32 11.15
N ALA B 17 -1.37 -1.47 10.77
CA ALA B 17 -0.11 -1.35 11.49
C ALA B 17 -0.32 -0.81 12.91
N VAL B 18 -1.19 0.19 13.05
CA VAL B 18 -1.53 0.73 14.36
C VAL B 18 -2.09 -0.36 15.28
N GLU B 19 -3.06 -1.12 14.76
CA GLU B 19 -3.70 -2.19 15.53
C GLU B 19 -2.69 -3.27 15.94
N PHE B 20 -1.76 -3.60 15.03
CA PHE B 20 -0.64 -4.50 15.30
C PHE B 20 0.27 -4.00 16.44
N LEU B 21 0.70 -2.74 16.33
CA LEU B 21 1.64 -2.14 17.29
C LEU B 21 1.07 -1.99 18.71
N LEU B 22 -0.25 -1.96 18.85
CA LEU B 22 -0.91 -1.90 20.16
C LEU B 22 -0.87 -3.20 20.95
N ASP B 23 -0.71 -4.34 20.28
CA ASP B 23 -0.69 -5.64 20.94
C ASP B 23 0.40 -5.67 22.02
N SER B 24 0.06 -6.18 23.19
CA SER B 24 0.94 -6.13 24.36
C SER B 24 2.27 -6.87 24.17
N ARG B 25 2.23 -7.97 23.42
CA ARG B 25 3.43 -8.73 23.12
C ARG B 25 4.26 -8.04 22.03
N VAL B 26 3.57 -7.43 21.06
CA VAL B 26 4.22 -6.61 20.03
C VAL B 26 4.87 -5.39 20.67
N ARG B 27 4.23 -4.78 21.67
CA ARG B 27 4.82 -3.66 22.40
C ARG B 27 6.21 -3.99 22.98
N ARG B 28 6.38 -5.21 23.47
CA ARG B 28 7.65 -5.65 24.05
C ARG B 28 8.70 -6.10 23.01
N THR B 29 8.29 -6.20 21.74
CA THR B 29 9.20 -6.55 20.65
C THR B 29 10.00 -5.31 20.23
N PRO B 30 11.30 -5.48 19.87
CA PRO B 30 12.09 -4.31 19.48
C PRO B 30 11.59 -3.59 18.22
N THR B 31 11.85 -2.29 18.16
CA THR B 31 11.43 -1.46 17.04
C THR B 31 11.90 -2.02 15.69
N SER B 32 13.17 -2.41 15.60
CA SER B 32 13.75 -2.89 14.35
C SER B 32 12.98 -4.06 13.74
N SER B 33 12.68 -5.06 14.57
CA SER B 33 11.89 -6.23 14.13
C SER B 33 10.50 -5.85 13.62
N LYS B 34 9.85 -4.92 14.33
CA LYS B 34 8.52 -4.45 13.95
C LYS B 34 8.54 -3.65 12.65
N VAL B 35 9.59 -2.85 12.45
CA VAL B 35 9.78 -2.09 11.21
C VAL B 35 9.94 -3.03 10.00
N HIS B 36 10.79 -4.04 10.15
CA HIS B 36 10.97 -5.06 9.10
C HIS B 36 9.67 -5.79 8.77
N PHE B 37 8.95 -6.18 9.82
CA PHE B 37 7.65 -6.84 9.66
C PHE B 37 6.67 -5.97 8.87
N LEU B 38 6.53 -4.71 9.25
CA LEU B 38 5.60 -3.80 8.57
C LEU B 38 5.97 -3.57 7.11
N LYS B 39 7.27 -3.47 6.81
CA LYS B 39 7.73 -3.40 5.42
C LYS B 39 7.33 -4.67 4.65
N SER B 40 7.45 -5.82 5.30
CA SER B 40 7.04 -7.10 4.70
C SER B 40 5.53 -7.17 4.39
N LYS B 41 4.72 -6.42 5.15
CA LYS B 41 3.28 -6.31 4.87
C LYS B 41 2.92 -5.27 3.80
N GLY B 42 3.92 -4.57 3.27
CA GLY B 42 3.73 -3.65 2.15
C GLY B 42 3.72 -2.17 2.50
N LEU B 43 4.06 -1.83 3.75
CA LEU B 43 4.10 -0.42 4.15
C LEU B 43 5.41 0.23 3.72
N SER B 44 5.31 1.46 3.22
CA SER B 44 6.47 2.29 2.94
C SER B 44 7.06 2.80 4.26
N ALA B 45 8.29 3.31 4.19
CA ALA B 45 8.92 3.91 5.37
C ALA B 45 8.09 5.04 5.97
N GLU B 46 7.47 5.87 5.11
CA GLU B 46 6.59 6.95 5.58
C GLU B 46 5.31 6.43 6.25
N GLU B 47 4.71 5.38 5.70
CA GLU B 47 3.54 4.75 6.31
C GLU B 47 3.87 4.12 7.66
N ILE B 48 5.05 3.50 7.76
CA ILE B 48 5.53 2.91 9.01
C ILE B 48 5.71 4.01 10.05
N CYS B 49 6.36 5.09 9.64
CA CYS B 49 6.59 6.24 10.51
C CYS B 49 5.29 6.84 11.03
N GLU B 50 4.29 6.98 10.15
CA GLU B 50 2.96 7.44 10.55
C GLU B 50 2.33 6.54 11.62
N ALA B 51 2.43 5.23 11.42
CA ALA B 51 1.84 4.26 12.35
C ALA B 51 2.44 4.37 13.76
N PHE B 52 3.77 4.47 13.84
CA PHE B 52 4.46 4.62 15.12
C PHE B 52 4.05 5.91 15.84
N THR B 53 3.90 7.00 15.10
CA THR B 53 3.42 8.26 15.66
C THR B 53 1.98 8.14 16.17
N LYS B 54 1.10 7.53 15.38
CA LYS B 54 -0.31 7.36 15.77
C LYS B 54 -0.51 6.55 17.06
N VAL B 55 0.32 5.53 17.28
CA VAL B 55 0.24 4.74 18.53
C VAL B 55 0.91 5.40 19.74
N GLY B 56 1.47 6.60 19.56
CA GLY B 56 2.15 7.28 20.65
C GLY B 56 3.51 6.66 20.98
N GLN B 57 4.14 6.06 19.97
CA GLN B 57 5.50 5.53 20.09
C GLN B 57 6.35 6.12 18.95
N PRO B 58 6.39 7.47 18.84
CA PRO B 58 6.96 8.08 17.64
C PRO B 58 8.45 7.79 17.42
N LYS B 59 8.79 7.53 16.16
CA LYS B 59 10.15 7.32 15.71
C LYS B 59 10.41 8.32 14.60
N THR B 60 11.67 8.72 14.45
CA THR B 60 12.06 9.58 13.33
C THR B 60 12.01 8.75 12.06
N LEU B 61 11.69 9.40 10.95
CA LEU B 61 11.74 8.73 9.65
C LEU B 61 13.17 8.30 9.31
N ASN B 62 14.15 9.09 9.77
CA ASN B 62 15.57 8.72 9.66
C ASN B 62 15.88 7.37 10.29
N GLU B 63 15.39 7.13 11.51
CA GLU B 63 15.61 5.85 12.19
C GLU B 63 14.98 4.70 11.42
N ILE B 64 13.76 4.90 10.94
CA ILE B 64 13.06 3.88 10.16
C ILE B 64 13.79 3.56 8.87
N LYS B 65 14.23 4.60 8.16
CA LYS B 65 15.05 4.41 6.94
C LYS B 65 16.36 3.68 7.23
N ARG B 66 17.01 4.00 8.35
CA ARG B 66 18.26 3.33 8.75
C ARG B 66 18.07 1.85 9.04
N ILE B 67 16.95 1.50 9.70
CA ILE B 67 16.61 0.10 9.96
C ILE B 67 16.41 -0.67 8.64
N LEU B 68 15.71 -0.05 7.70
CA LEU B 68 15.41 -0.67 6.40
C LEU B 68 16.54 -0.58 5.37
N SER B 69 17.62 0.13 5.68
CA SER B 69 18.74 0.29 4.74
C SER B 69 19.55 -1.00 4.59
N HIS C 7 -16.46 -7.54 15.35
CA HIS C 7 -17.68 -8.19 14.79
C HIS C 7 -18.94 -7.87 15.60
N SER C 8 -18.91 -8.21 16.90
CA SER C 8 -20.03 -7.92 17.79
C SER C 8 -20.11 -6.41 18.08
N GLU C 9 -21.29 -5.97 18.50
CA GLU C 9 -21.51 -4.55 18.83
C GLU C 9 -20.58 -4.06 19.96
N ARG C 10 -20.33 -4.93 20.94
CA ARG C 10 -19.40 -4.61 22.02
C ARG C 10 -17.98 -4.37 21.52
N GLU C 11 -17.49 -5.26 20.64
CA GLU C 11 -16.15 -5.13 20.05
CA GLU C 11 -16.13 -5.09 20.12
C GLU C 11 -16.02 -3.87 19.19
N LYS C 12 -17.12 -3.47 18.55
CA LYS C 12 -17.16 -2.23 17.77
C LYS C 12 -17.06 -1.00 18.67
N ARG C 13 -17.79 -1.00 19.80
CA ARG C 13 -17.70 0.09 20.78
C ARG C 13 -16.28 0.24 21.32
N VAL C 14 -15.66 -0.88 21.69
CA VAL C 14 -14.29 -0.87 22.22
C VAL C 14 -13.29 -0.39 21.17
N SER C 15 -13.42 -0.91 19.94
CA SER C 15 -12.54 -0.52 18.84
C SER C 15 -12.63 0.98 18.53
N ASN C 16 -13.86 1.50 18.53
CA ASN C 16 -14.08 2.93 18.33
C ASN C 16 -13.44 3.76 19.44
N ALA C 17 -13.53 3.29 20.68
CA ALA C 17 -12.92 3.96 21.81
C ALA C 17 -11.40 3.98 21.73
N VAL C 18 -10.80 2.87 21.29
CA VAL C 18 -9.35 2.78 21.12
C VAL C 18 -8.87 3.83 20.11
N GLU C 19 -9.52 3.89 18.96
CA GLU C 19 -9.17 4.86 17.92
C GLU C 19 -9.30 6.30 18.43
N PHE C 20 -10.36 6.55 19.19
CA PHE C 20 -10.58 7.85 19.84
C PHE C 20 -9.44 8.22 20.81
N LEU C 21 -9.08 7.28 21.69
CA LEU C 21 -8.06 7.53 22.70
C LEU C 21 -6.65 7.76 22.14
N LEU C 22 -6.39 7.29 20.92
CA LEU C 22 -5.09 7.50 20.28
C LEU C 22 -4.88 8.91 19.73
N ASP C 23 -5.96 9.64 19.46
CA ASP C 23 -5.85 10.99 18.92
C ASP C 23 -4.97 11.86 19.81
N SER C 24 -4.08 12.64 19.19
CA SER C 24 -3.07 13.40 19.92
C SER C 24 -3.66 14.45 20.86
N ARG C 25 -4.77 15.05 20.48
CA ARG C 25 -5.48 16.02 21.34
C ARG C 25 -6.18 15.31 22.49
N VAL C 26 -6.73 14.13 22.20
CA VAL C 26 -7.41 13.31 23.20
C VAL C 26 -6.42 12.79 24.23
N ARG C 27 -5.23 12.38 23.80
CA ARG C 27 -4.18 11.95 24.74
C ARG C 27 -3.84 13.02 25.79
N ARG C 28 -3.90 14.30 25.40
CA ARG C 28 -3.67 15.42 26.32
C ARG C 28 -4.87 15.81 27.19
N THR C 29 -6.04 15.20 26.92
CA THR C 29 -7.26 15.45 27.69
C THR C 29 -7.29 14.55 28.93
N PRO C 30 -7.80 15.05 30.07
CA PRO C 30 -7.80 14.21 31.28
C PRO C 30 -8.60 12.91 31.14
N THR C 31 -8.13 11.87 31.84
CA THR C 31 -8.79 10.58 31.90
C THR C 31 -10.28 10.69 32.22
N SER C 32 -10.63 11.44 33.25
CA SER C 32 -12.02 11.54 33.69
C SER C 32 -12.96 12.09 32.61
N SER C 33 -12.51 13.13 31.91
CA SER C 33 -13.28 13.69 30.79
C SER C 33 -13.52 12.66 29.68
N LYS C 34 -12.48 11.89 29.37
CA LYS C 34 -12.56 10.83 28.35
C LYS C 34 -13.48 9.69 28.77
N VAL C 35 -13.46 9.33 30.05
CA VAL C 35 -14.33 8.29 30.59
C VAL C 35 -15.81 8.71 30.49
N HIS C 36 -16.12 9.95 30.85
CA HIS C 36 -17.49 10.48 30.73
C HIS C 36 -17.95 10.50 29.27
N PHE C 37 -17.07 10.95 28.39
CA PHE C 37 -17.35 10.95 26.95
C PHE C 37 -17.67 9.54 26.45
N LEU C 38 -16.83 8.56 26.83
CA LEU C 38 -17.03 7.19 26.37
C LEU C 38 -18.31 6.57 26.92
N LYS C 39 -18.67 6.91 28.16
CA LYS C 39 -19.98 6.50 28.70
C LYS C 39 -21.11 7.10 27.88
N SER C 40 -20.96 8.36 27.46
CA SER C 40 -21.96 9.01 26.62
C SER C 40 -22.11 8.37 25.23
N LYS C 41 -21.05 7.73 24.75
CA LYS C 41 -21.12 6.94 23.50
C LYS C 41 -21.65 5.51 23.67
N GLY C 42 -22.05 5.14 24.88
CA GLY C 42 -22.71 3.85 25.14
C GLY C 42 -21.83 2.73 25.66
N LEU C 43 -20.58 3.04 26.04
CA LEU C 43 -19.71 2.03 26.62
C LEU C 43 -20.00 1.83 28.10
N SER C 44 -19.90 0.59 28.55
CA SER C 44 -19.92 0.27 29.98
C SER C 44 -18.55 0.57 30.58
N ALA C 45 -18.49 0.58 31.92
CA ALA C 45 -17.23 0.76 32.64
C ALA C 45 -16.16 -0.25 32.21
N GLU C 46 -16.57 -1.50 32.05
CA GLU C 46 -15.65 -2.57 31.65
C GLU C 46 -15.13 -2.40 30.22
N GLU C 47 -16.03 -2.01 29.30
CA GLU C 47 -15.63 -1.71 27.93
C GLU C 47 -14.64 -0.54 27.86
N ILE C 48 -14.90 0.50 28.66
CA ILE C 48 -13.98 1.64 28.77
C ILE C 48 -12.62 1.18 29.29
N CYS C 49 -12.65 0.34 30.32
CA CYS C 49 -11.42 -0.21 30.91
C CYS C 49 -10.57 -0.95 29.89
N GLU C 50 -11.22 -1.77 29.07
CA GLU C 50 -10.51 -2.51 28.02
C GLU C 50 -9.86 -1.61 26.99
N ALA C 51 -10.55 -0.54 26.59
CA ALA C 51 -10.00 0.42 25.63
C ALA C 51 -8.73 1.09 26.15
N PHE C 52 -8.75 1.52 27.41
CA PHE C 52 -7.59 2.15 28.04
C PHE C 52 -6.38 1.20 28.11
N THR C 53 -6.62 -0.08 28.40
CA THR C 53 -5.55 -1.08 28.39
C THR C 53 -4.98 -1.30 26.99
N LYS C 54 -5.86 -1.40 25.99
CA LYS C 54 -5.44 -1.61 24.59
C LYS C 54 -4.53 -0.49 24.04
N VAL C 55 -4.81 0.75 24.43
CA VAL C 55 -3.97 1.89 24.00
C VAL C 55 -2.69 2.11 24.83
N GLY C 56 -2.44 1.24 25.81
CA GLY C 56 -1.24 1.34 26.63
C GLY C 56 -1.33 2.41 27.71
N GLN C 57 -2.55 2.74 28.15
CA GLN C 57 -2.78 3.66 29.27
C GLN C 57 -3.67 2.96 30.29
N PRO C 58 -3.22 1.82 30.84
CA PRO C 58 -4.14 0.96 31.59
C PRO C 58 -4.73 1.62 32.84
N LYS C 59 -6.00 1.34 33.07
CA LYS C 59 -6.74 1.78 34.25
C LYS C 59 -7.33 0.56 34.90
N THR C 60 -7.58 0.63 36.20
CA THR C 60 -8.31 -0.42 36.89
C THR C 60 -9.79 -0.22 36.65
N LEU C 61 -10.56 -1.31 36.74
CA LEU C 61 -12.02 -1.23 36.61
C LEU C 61 -12.62 -0.37 37.73
N ASN C 62 -12.07 -0.49 38.94
CA ASN C 62 -12.49 0.35 40.06
C ASN C 62 -12.29 1.83 39.79
N GLU C 63 -11.15 2.19 39.18
CA GLU C 63 -10.86 3.59 38.84
C GLU C 63 -11.91 4.19 37.90
N ILE C 64 -12.31 3.42 36.91
CA ILE C 64 -13.32 3.88 35.95
CA ILE C 64 -13.32 3.85 35.93
C ILE C 64 -14.68 3.98 36.61
N LYS C 65 -15.02 3.01 37.45
CA LYS C 65 -16.28 3.03 38.20
C LYS C 65 -16.38 4.23 39.16
N ARG C 66 -15.25 4.57 39.81
CA ARG C 66 -15.21 5.75 40.68
C ARG C 66 -15.48 7.05 39.91
N ILE C 67 -14.93 7.16 38.70
CA ILE C 67 -15.17 8.32 37.85
C ILE C 67 -16.65 8.43 37.48
N LEU C 68 -17.26 7.30 37.16
CA LEU C 68 -18.66 7.25 36.70
C LEU C 68 -19.69 7.23 37.83
N SER C 69 -19.25 7.10 39.08
CA SER C 69 -20.17 6.98 40.22
C SER C 69 -20.84 8.30 40.57
N HIS D 7 16.20 -10.20 -10.14
CA HIS D 7 15.98 -10.20 -11.61
C HIS D 7 17.27 -10.55 -12.36
N SER D 8 17.16 -11.43 -13.35
CA SER D 8 18.28 -11.83 -14.20
C SER D 8 18.84 -10.64 -15.00
N GLU D 9 20.00 -10.85 -15.59
CA GLU D 9 20.60 -9.86 -16.50
C GLU D 9 19.67 -9.59 -17.68
N ARG D 10 19.18 -10.67 -18.28
CA ARG D 10 18.17 -10.62 -19.34
C ARG D 10 16.93 -9.83 -18.92
N GLU D 11 16.39 -10.18 -17.76
CA GLU D 11 15.21 -9.49 -17.20
C GLU D 11 15.50 -8.01 -16.89
N LYS D 12 16.74 -7.72 -16.49
CA LYS D 12 17.18 -6.34 -16.28
C LYS D 12 17.14 -5.51 -17.55
N ARG D 13 17.57 -6.10 -18.67
CA ARG D 13 17.58 -5.42 -19.97
C ARG D 13 16.17 -5.15 -20.49
N VAL D 14 15.29 -6.14 -20.38
CA VAL D 14 13.89 -5.98 -20.82
C VAL D 14 13.19 -4.90 -20.01
N SER D 15 13.44 -4.85 -18.70
CA SER D 15 12.85 -3.84 -17.81
C SER D 15 13.23 -2.42 -18.20
N ASN D 16 14.51 -2.20 -18.51
CA ASN D 16 14.97 -0.88 -18.97
C ASN D 16 14.37 -0.49 -20.31
N ALA D 17 14.26 -1.45 -21.22
CA ALA D 17 13.61 -1.23 -22.52
C ALA D 17 12.15 -0.82 -22.36
N VAL D 18 11.43 -1.47 -21.45
CA VAL D 18 10.03 -1.15 -21.19
C VAL D 18 9.84 0.31 -20.74
N GLU D 19 10.64 0.74 -19.77
CA GLU D 19 10.55 2.13 -19.29
C GLU D 19 10.96 3.13 -20.37
N PHE D 20 11.94 2.76 -21.19
CA PHE D 20 12.31 3.57 -22.36
C PHE D 20 11.15 3.73 -23.35
N LEU D 21 10.50 2.62 -23.69
CA LEU D 21 9.43 2.63 -24.70
C LEU D 21 8.17 3.40 -24.28
N LEU D 22 7.96 3.57 -22.97
CA LEU D 22 6.79 4.30 -22.47
C LEU D 22 6.90 5.82 -22.53
N ASP D 23 8.10 6.35 -22.76
CA ASP D 23 8.30 7.79 -22.83
C ASP D 23 7.51 8.40 -24.00
N SER D 24 6.87 9.54 -23.76
CA SER D 24 5.96 10.16 -24.73
C SER D 24 6.65 10.56 -26.04
N ARG D 25 7.91 10.97 -25.94
CA ARG D 25 8.71 11.35 -27.10
C ARG D 25 9.22 10.12 -27.84
N VAL D 26 9.55 9.07 -27.08
CA VAL D 26 9.98 7.79 -27.65
C VAL D 26 8.82 7.13 -28.40
N ARG D 27 7.61 7.24 -27.86
CA ARG D 27 6.42 6.71 -28.55
C ARG D 27 6.20 7.34 -29.94
N ARG D 28 6.61 8.59 -30.14
CA ARG D 28 6.54 9.25 -31.44
C ARG D 28 7.76 8.99 -32.35
N THR D 29 8.78 8.30 -31.83
CA THR D 29 9.96 7.91 -32.58
C THR D 29 9.65 6.62 -33.34
N PRO D 30 10.14 6.47 -34.59
CA PRO D 30 9.84 5.24 -35.33
C PRO D 30 10.37 3.96 -34.68
N THR D 31 9.62 2.87 -34.88
CA THR D 31 9.98 1.56 -34.36
C THR D 31 11.41 1.16 -34.72
N SER D 32 11.81 1.34 -35.98
CA SER D 32 13.14 0.91 -36.42
C SER D 32 14.27 1.61 -35.66
N SER D 33 14.14 2.93 -35.48
CA SER D 33 15.09 3.69 -34.67
C SER D 33 15.21 3.15 -33.24
N LYS D 34 14.06 2.85 -32.63
CA LYS D 34 14.02 2.29 -31.28
C LYS D 34 14.63 0.88 -31.19
N VAL D 35 14.37 0.06 -32.20
CA VAL D 35 14.95 -1.29 -32.28
C VAL D 35 16.48 -1.22 -32.39
N HIS D 36 16.99 -0.35 -33.26
CA HIS D 36 18.44 -0.16 -33.39
C HIS D 36 19.06 0.35 -32.09
N PHE D 37 18.39 1.30 -31.43
CA PHE D 37 18.84 1.82 -30.14
C PHE D 37 18.90 0.70 -29.10
N LEU D 38 17.84 -0.10 -28.99
CA LEU D 38 17.81 -1.19 -28.01
C LEU D 38 18.86 -2.28 -28.28
N LYS D 39 19.11 -2.60 -29.54
CA LYS D 39 20.22 -3.49 -29.91
C LYS D 39 21.56 -2.92 -29.48
N SER D 40 21.75 -1.61 -29.64
CA SER D 40 22.99 -0.93 -29.20
C SER D 40 23.17 -0.96 -27.67
N LYS D 41 22.07 -1.02 -26.92
CA LYS D 41 22.10 -1.20 -25.46
C LYS D 41 22.29 -2.66 -25.01
N GLY D 42 22.42 -3.59 -25.97
CA GLY D 42 22.76 -4.98 -25.68
C GLY D 42 21.61 -5.98 -25.72
N LEU D 43 20.42 -5.55 -26.13
CA LEU D 43 19.28 -6.46 -26.21
C LEU D 43 19.34 -7.31 -27.48
N SER D 44 18.92 -8.57 -27.35
CA SER D 44 18.69 -9.44 -28.50
C SER D 44 17.35 -9.11 -29.14
N ALA D 45 17.11 -9.67 -30.31
CA ALA D 45 15.83 -9.49 -31.01
C ALA D 45 14.64 -9.95 -30.16
N GLU D 46 14.77 -11.09 -29.49
CA GLU D 46 13.71 -11.60 -28.60
C GLU D 46 13.43 -10.69 -27.41
N GLU D 47 14.48 -10.19 -26.77
CA GLU D 47 14.33 -9.28 -25.63
C GLU D 47 13.66 -7.98 -26.05
N ILE D 48 14.02 -7.47 -27.23
CA ILE D 48 13.38 -6.29 -27.81
C ILE D 48 11.90 -6.57 -28.07
N CYS D 49 11.63 -7.71 -28.72
CA CYS D 49 10.26 -8.12 -29.02
C CYS D 49 9.42 -8.21 -27.74
N GLU D 50 10.00 -8.79 -26.68
CA GLU D 50 9.30 -8.96 -25.41
C GLU D 50 8.94 -7.62 -24.76
N ALA D 51 9.87 -6.65 -24.80
CA ALA D 51 9.62 -5.31 -24.25
C ALA D 51 8.46 -4.61 -24.96
N PHE D 52 8.41 -4.74 -26.29
CA PHE D 52 7.32 -4.15 -27.08
C PHE D 52 5.94 -4.72 -26.69
N THR D 53 5.88 -6.03 -26.45
CA THR D 53 4.64 -6.67 -25.98
C THR D 53 4.26 -6.19 -24.57
N LYS D 54 5.25 -6.04 -23.69
CA LYS D 54 4.99 -5.60 -22.31
C LYS D 54 4.40 -4.18 -22.18
N VAL D 55 4.63 -3.33 -23.18
CA VAL D 55 4.01 -1.99 -23.20
C VAL D 55 2.74 -1.89 -24.07
N GLY D 56 2.22 -3.03 -24.53
CA GLY D 56 1.03 -3.05 -25.38
C GLY D 56 1.26 -2.43 -26.75
N GLN D 57 2.48 -2.55 -27.25
CA GLN D 57 2.85 -2.10 -28.59
C GLN D 57 3.45 -3.29 -29.34
N PRO D 58 2.68 -4.41 -29.45
CA PRO D 58 3.27 -5.68 -29.88
C PRO D 58 3.85 -5.64 -31.29
N LYS D 59 5.00 -6.30 -31.44
CA LYS D 59 5.65 -6.54 -32.71
C LYS D 59 5.87 -8.04 -32.81
N THR D 60 5.96 -8.57 -34.01
CA THR D 60 6.36 -9.97 -34.18
C THR D 60 7.88 -10.06 -34.10
N LEU D 61 8.38 -11.24 -33.76
CA LEU D 61 9.82 -11.45 -33.74
C LEU D 61 10.45 -11.29 -35.13
N ASN D 62 9.74 -11.74 -36.17
CA ASN D 62 10.19 -11.56 -37.56
C ASN D 62 10.36 -10.08 -37.93
N GLU D 63 9.39 -9.26 -37.51
CA GLU D 63 9.40 -7.80 -37.69
C GLU D 63 10.65 -7.16 -37.11
N ILE D 64 11.01 -7.58 -35.90
CA ILE D 64 12.23 -7.09 -35.22
C ILE D 64 13.49 -7.59 -35.94
N LYS D 65 13.50 -8.87 -36.30
CA LYS D 65 14.64 -9.46 -37.02
C LYS D 65 14.89 -8.81 -38.39
N ARG D 66 13.81 -8.48 -39.11
CA ARG D 66 13.94 -7.77 -40.39
C ARG D 66 14.61 -6.41 -40.25
N ILE D 67 14.26 -5.68 -39.20
CA ILE D 67 14.86 -4.37 -38.91
C ILE D 67 16.36 -4.50 -38.65
N LEU D 68 16.74 -5.52 -37.88
CA LEU D 68 18.14 -5.75 -37.51
C LEU D 68 18.97 -6.49 -38.57
N SER D 69 18.33 -6.94 -39.66
CA SER D 69 19.03 -7.67 -40.71
C SER D 69 19.86 -6.75 -41.60
#